data_2VUO
#
_entry.id   2VUO
#
_cell.length_a   58.662
_cell.length_b   71.211
_cell.length_c   69.036
_cell.angle_alpha   90.00
_cell.angle_beta   104.78
_cell.angle_gamma   90.00
#
_symmetry.space_group_name_H-M   'P 1 21 1'
#
loop_
_entity.id
_entity.type
_entity.pdbx_description
1 polymer 'IG GAMMA CHAIN C REGION'
2 branched beta-D-galactopyranose-(1-4)-2-acetamido-2-deoxy-beta-D-glucopyranose-(1-2)-alpha-D-mannopyranose-(1-6)-[2-acetamido-2-deoxy-beta-D-glucopyranose-(1-2)-alpha-D-mannopyranose-(1-3)]beta-D-mannopyranose-(1-4)-2-acetamido-2-deoxy-beta-D-glucopyranose-(1-4)-2-acetamido-2-deoxy-beta-D-glucopyranose
3 branched beta-D-galactopyranose-(1-4)-2-acetamido-2-deoxy-beta-D-glucopyranose-(1-2)-alpha-D-mannopyranose-(1-6)-[alpha-D-mannopyranose-(1-3)]beta-D-mannopyranose-(1-4)-2-acetamido-2-deoxy-beta-D-glucopyranose-(1-4)-2-acetamido-2-deoxy-beta-D-glucopyranose
4 non-polymer GLYCEROL
5 non-polymer 'AZIDE ION'
6 non-polymer 'FORMIC ACID'
7 water water
#
_entity_poly.entity_id   1
_entity_poly.type   'polypeptide(L)'
_entity_poly.pdbx_seq_one_letter_code
;CPPPELLGGPSVFIFPPKPKDTLMISRTPEVTCVVVDVSQDDPEVQFTWYINNEQVRTARPPLREQQFNSTIRVVSTLPI
AHQDWLRGKEFKCKVHNKALPAPIEKTISKARGQPLEPKVYTMGPPREELSSRSVSLTCMINGFYPSDISVEWEKNGKAE
DNYKTTPAVLDSDGSYFLYSKLSVPTSEWQRGDVFTCSVMHEALHNHYTQKSISRSPGK
;
_entity_poly.pdbx_strand_id   A,B
#
loop_
_chem_comp.id
_chem_comp.type
_chem_comp.name
_chem_comp.formula
AZI non-polymer 'AZIDE ION' 'N3 -1'
BMA D-saccharide, beta linking beta-D-mannopyranose 'C6 H12 O6'
FMT non-polymer 'FORMIC ACID' 'C H2 O2'
GAL D-saccharide, beta linking beta-D-galactopyranose 'C6 H12 O6'
GOL non-polymer GLYCEROL 'C3 H8 O3'
MAN D-saccharide, alpha linking alpha-D-mannopyranose 'C6 H12 O6'
NAG D-saccharide, beta linking 2-acetamido-2-deoxy-beta-D-glucopyranose 'C8 H15 N O6'
#
# COMPACT_ATOMS: atom_id res chain seq x y z
N PRO A 2 -17.05 -2.71 30.93
CA PRO A 2 -17.09 -4.13 30.59
C PRO A 2 -15.87 -4.54 29.78
N PRO A 3 -14.85 -5.13 30.45
CA PRO A 3 -13.58 -5.52 29.83
C PRO A 3 -13.72 -6.74 28.93
N PRO A 4 -12.73 -6.95 28.04
CA PRO A 4 -12.68 -8.11 27.14
C PRO A 4 -12.70 -9.42 27.91
N GLU A 5 -13.32 -10.44 27.31
CA GLU A 5 -13.43 -11.74 27.96
C GLU A 5 -12.17 -12.58 27.73
N LEU A 6 -11.50 -12.35 26.61
CA LEU A 6 -10.23 -13.00 26.32
C LEU A 6 -10.33 -14.52 26.35
N LEU A 7 -11.46 -15.05 25.87
CA LEU A 7 -11.71 -16.49 25.93
C LEU A 7 -10.69 -17.28 25.12
N GLY A 8 -10.07 -16.64 24.14
CA GLY A 8 -9.10 -17.32 23.30
C GLY A 8 -7.69 -17.21 23.85
N GLY A 9 -7.48 -16.34 24.82
CA GLY A 9 -6.16 -16.08 25.35
C GLY A 9 -5.42 -15.08 24.49
N PRO A 10 -4.10 -14.96 24.70
CA PRO A 10 -3.29 -13.94 24.01
C PRO A 10 -3.06 -14.24 22.52
N SER A 11 -2.72 -13.21 21.76
CA SER A 11 -2.30 -13.37 20.37
C SER A 11 -0.88 -12.84 20.19
N VAL A 12 -0.17 -13.37 19.20
CA VAL A 12 1.21 -12.97 18.98
C VAL A 12 1.45 -12.52 17.54
N PHE A 13 2.22 -11.44 17.39
CA PHE A 13 2.60 -10.93 16.08
C PHE A 13 4.11 -10.68 15.99
N ILE A 14 4.70 -11.03 14.87
CA ILE A 14 6.14 -10.87 14.69
C ILE A 14 6.42 -9.85 13.59
N PHE A 15 7.44 -9.02 13.78
CA PHE A 15 7.74 -7.95 12.85
C PHE A 15 9.20 -7.93 12.45
N PRO A 16 9.48 -7.59 11.19
CA PRO A 16 10.85 -7.62 10.67
C PRO A 16 11.61 -6.37 11.10
N PRO A 17 12.93 -6.37 10.88
CA PRO A 17 13.74 -5.17 11.12
C PRO A 17 13.48 -4.11 10.06
N LYS A 18 13.83 -2.85 10.36
CA LYS A 18 13.75 -1.80 9.36
C LYS A 18 14.87 -1.98 8.35
N PRO A 19 14.55 -1.85 7.06
CA PRO A 19 15.57 -2.02 6.00
C PRO A 19 16.82 -1.17 6.23
N LYS A 20 16.66 0.10 6.61
CA LYS A 20 17.81 0.95 6.83
C LYS A 20 18.72 0.42 7.96
N ASP A 21 18.10 -0.21 8.96
CA ASP A 21 18.86 -0.81 10.06
C ASP A 21 19.67 -2.00 9.58
N THR A 22 19.09 -2.80 8.69
CA THR A 22 19.75 -4.01 8.20
C THR A 22 20.87 -3.68 7.24
N LEU A 23 20.79 -2.51 6.62
CA LEU A 23 21.73 -2.14 5.56
C LEU A 23 22.90 -1.26 6.03
N MET A 24 22.78 -0.69 7.23
CA MET A 24 23.83 0.15 7.78
C MET A 24 24.59 -0.53 8.92
N ILE A 25 25.89 -0.76 8.72
CA ILE A 25 26.68 -1.48 9.72
C ILE A 25 26.64 -0.79 11.09
N SER A 26 26.48 0.53 11.09
CA SER A 26 26.48 1.29 12.33
C SER A 26 25.17 1.15 13.11
N ARG A 27 24.15 0.57 12.47
CA ARG A 27 22.86 0.41 13.12
C ARG A 27 22.66 -1.00 13.65
N THR A 28 21.66 -1.17 14.52
CA THR A 28 21.36 -2.47 15.10
C THR A 28 19.95 -2.90 14.72
N PRO A 29 19.83 -3.77 13.70
CA PRO A 29 18.50 -4.25 13.31
C PRO A 29 17.91 -5.15 14.39
N GLU A 30 16.59 -5.18 14.48
CA GLU A 30 15.91 -5.97 15.51
C GLU A 30 14.70 -6.68 14.92
N VAL A 31 14.47 -7.91 15.39
CA VAL A 31 13.21 -8.58 15.13
C VAL A 31 12.35 -8.40 16.37
N THR A 32 11.05 -8.16 16.17
CA THR A 32 10.17 -7.87 17.30
C THR A 32 8.99 -8.83 17.39
N CYS A 33 8.71 -9.29 18.61
N CYS A 33 8.74 -9.34 18.59
CA CYS A 33 7.61 -10.19 18.91
CA CYS A 33 7.55 -10.13 18.81
C CYS A 33 6.65 -9.49 19.88
C CYS A 33 6.66 -9.47 19.85
N VAL A 34 5.42 -9.24 19.46
CA VAL A 34 4.46 -8.54 20.29
C VAL A 34 3.33 -9.46 20.71
N VAL A 35 3.04 -9.48 22.01
CA VAL A 35 1.97 -10.30 22.54
C VAL A 35 0.88 -9.38 23.08
N VAL A 36 -0.35 -9.62 22.64
CA VAL A 36 -1.48 -8.80 23.09
C VAL A 36 -2.53 -9.68 23.72
N ASP A 37 -3.54 -9.06 24.32
CA ASP A 37 -4.62 -9.78 24.99
C ASP A 37 -4.10 -10.64 26.13
N VAL A 38 -3.03 -10.19 26.78
CA VAL A 38 -2.58 -10.80 28.03
C VAL A 38 -3.50 -10.34 29.16
N SER A 39 -4.02 -11.29 29.95
CA SER A 39 -4.97 -10.95 30.99
C SER A 39 -4.27 -10.57 32.30
N GLN A 40 -4.97 -9.82 33.15
CA GLN A 40 -4.43 -9.45 34.45
C GLN A 40 -4.25 -10.69 35.33
N ASP A 41 -5.07 -11.70 35.09
CA ASP A 41 -5.06 -12.93 35.90
C ASP A 41 -3.84 -13.79 35.63
N ASP A 42 -3.45 -13.87 34.36
CA ASP A 42 -2.29 -14.65 33.95
C ASP A 42 -1.33 -13.74 33.19
N PRO A 43 -0.69 -12.83 33.92
CA PRO A 43 0.08 -11.74 33.30
C PRO A 43 1.49 -12.15 32.88
N GLU A 44 2.00 -13.25 33.38
CA GLU A 44 3.38 -13.66 33.07
C GLU A 44 3.55 -14.20 31.66
N VAL A 45 4.57 -13.70 30.96
CA VAL A 45 4.86 -14.13 29.59
C VAL A 45 6.34 -14.42 29.45
N GLN A 46 6.69 -15.57 28.90
CA GLN A 46 8.07 -15.88 28.60
C GLN A 46 8.27 -16.04 27.10
N PHE A 47 9.42 -15.56 26.61
CA PHE A 47 9.78 -15.67 25.20
C PHE A 47 10.99 -16.57 25.03
N THR A 48 10.94 -17.43 24.01
CA THR A 48 12.13 -18.13 23.53
C THR A 48 12.38 -17.76 22.07
N TRP A 49 13.61 -17.37 21.75
CA TRP A 49 13.96 -16.96 20.39
C TRP A 49 14.85 -17.99 19.70
N TYR A 50 14.65 -18.17 18.39
CA TYR A 50 15.46 -19.09 17.61
C TYR A 50 15.90 -18.48 16.29
N ILE A 51 17.08 -18.86 15.84
CA ILE A 51 17.54 -18.51 14.51
C ILE A 51 17.87 -19.82 13.79
N ASN A 52 17.15 -20.09 12.71
CA ASN A 52 17.22 -21.39 12.06
C ASN A 52 17.03 -22.53 13.04
N ASN A 53 16.04 -22.38 13.92
CA ASN A 53 15.66 -23.41 14.89
C ASN A 53 16.69 -23.66 15.99
N GLU A 54 17.72 -22.82 16.04
CA GLU A 54 18.67 -22.86 17.14
C GLU A 54 18.34 -21.76 18.13
N GLN A 55 18.19 -22.13 19.39
CA GLN A 55 17.82 -21.15 20.41
C GLN A 55 18.92 -20.12 20.61
N VAL A 56 18.52 -18.85 20.71
CA VAL A 56 19.45 -17.77 21.02
C VAL A 56 18.91 -16.93 22.17
N ARG A 57 19.80 -16.21 22.84
CA ARG A 57 19.40 -15.34 23.95
C ARG A 57 19.27 -13.90 23.49
N THR A 58 18.29 -13.20 24.06
CA THR A 58 18.24 -11.76 23.92
C THR A 58 18.56 -11.15 25.27
N ALA A 59 19.37 -10.11 25.28
CA ALA A 59 19.80 -9.48 26.53
C ALA A 59 18.85 -8.38 26.95
N ARG A 60 17.70 -8.31 26.28
CA ARG A 60 16.69 -7.30 26.62
C ARG A 60 15.44 -7.95 27.21
N PRO A 61 15.10 -7.59 28.45
CA PRO A 61 13.88 -8.08 29.10
C PRO A 61 12.66 -7.57 28.33
N PRO A 62 11.54 -8.31 28.40
CA PRO A 62 10.32 -7.89 27.72
C PRO A 62 9.80 -6.57 28.28
N LEU A 63 9.22 -5.75 27.41
CA LEU A 63 8.56 -4.52 27.83
C LEU A 63 7.07 -4.80 28.07
N ARG A 64 6.59 -4.50 29.26
CA ARG A 64 5.20 -4.77 29.63
C ARG A 64 4.39 -3.49 29.75
N GLU A 65 3.24 -3.45 29.08
CA GLU A 65 2.45 -2.22 29.01
C GLU A 65 0.95 -2.46 29.25
N GLN A 66 0.38 -1.71 30.18
CA GLN A 66 -1.05 -1.76 30.43
C GLN A 66 -1.80 -1.03 29.32
N GLN A 67 -2.84 -1.64 28.77
CA GLN A 67 -3.58 -1.06 27.66
C GLN A 67 -4.90 -0.43 28.10
N PHE A 68 -5.48 0.40 27.24
CA PHE A 68 -6.77 1.03 27.51
C PHE A 68 -7.90 0.02 27.63
N ASN A 69 -7.81 -1.09 26.89
CA ASN A 69 -8.86 -2.10 26.92
C ASN A 69 -8.69 -3.13 28.04
N SER A 70 -7.97 -2.73 29.08
CA SER A 70 -7.81 -3.52 30.30
C SER A 70 -6.93 -4.75 30.15
N THR A 71 -6.18 -4.82 29.05
CA THR A 71 -5.26 -5.94 28.85
C THR A 71 -3.81 -5.50 29.00
N ILE A 72 -2.91 -6.48 28.92
CA ILE A 72 -1.49 -6.19 28.95
C ILE A 72 -0.88 -6.51 27.58
N ARG A 73 0.09 -5.70 27.18
CA ARG A 73 0.81 -5.90 25.92
C ARG A 73 2.27 -6.10 26.26
N VAL A 74 2.87 -7.15 25.72
CA VAL A 74 4.26 -7.45 26.05
C VAL A 74 5.11 -7.53 24.79
N VAL A 75 6.22 -6.80 24.78
CA VAL A 75 7.07 -6.74 23.59
C VAL A 75 8.48 -7.27 23.88
N SER A 76 8.91 -8.24 23.07
CA SER A 76 10.26 -8.75 23.16
C SER A 76 11.01 -8.36 21.90
N THR A 77 12.20 -7.80 22.07
CA THR A 77 13.02 -7.37 20.94
C THR A 77 14.31 -8.16 20.87
N LEU A 78 14.60 -8.71 19.70
CA LEU A 78 15.84 -9.45 19.48
C LEU A 78 16.77 -8.73 18.51
N PRO A 79 17.89 -8.19 19.04
CA PRO A 79 18.88 -7.60 18.12
C PRO A 79 19.50 -8.73 17.33
N ILE A 80 19.74 -8.51 16.05
CA ILE A 80 20.29 -9.56 15.18
C ILE A 80 21.48 -9.06 14.38
N ALA A 81 22.32 -10.01 13.96
CA ALA A 81 23.39 -9.70 13.03
C ALA A 81 22.79 -9.35 11.67
N HIS A 82 23.33 -8.31 11.03
CA HIS A 82 22.84 -7.85 9.73
C HIS A 82 22.76 -9.01 8.74
N GLN A 83 23.83 -9.80 8.64
CA GLN A 83 23.88 -10.86 7.65
C GLN A 83 22.97 -12.05 7.95
N ASP A 84 22.59 -12.21 9.21
CA ASP A 84 21.62 -13.25 9.56
C ASP A 84 20.30 -12.96 8.84
N TRP A 85 19.88 -11.70 8.85
CA TRP A 85 18.68 -11.32 8.12
C TRP A 85 18.93 -11.39 6.61
N LEU A 86 20.00 -10.76 6.16
CA LEU A 86 20.25 -10.61 4.73
C LEU A 86 20.53 -11.94 4.04
N ARG A 87 21.07 -12.91 4.78
CA ARG A 87 21.35 -14.22 4.20
C ARG A 87 20.14 -15.17 4.25
N GLY A 88 19.02 -14.67 4.74
CA GLY A 88 17.77 -15.39 4.67
C GLY A 88 17.50 -16.36 5.80
N LYS A 89 18.15 -16.17 6.95
CA LYS A 89 17.91 -17.06 8.08
C LYS A 89 16.49 -16.82 8.61
N GLU A 90 15.93 -17.85 9.24
CA GLU A 90 14.57 -17.74 9.79
C GLU A 90 14.62 -17.42 11.28
N PHE A 91 13.86 -16.41 11.68
CA PHE A 91 13.79 -16.02 13.08
C PHE A 91 12.46 -16.44 13.67
N LYS A 92 12.51 -17.09 14.82
CA LYS A 92 11.30 -17.59 15.44
C LYS A 92 11.18 -17.14 16.89
N CYS A 93 9.99 -16.74 17.28
N CYS A 93 9.97 -16.79 17.28
CA CYS A 93 9.71 -16.47 18.69
CA CYS A 93 9.69 -16.48 18.66
C CYS A 93 8.60 -17.36 19.19
C CYS A 93 8.59 -17.39 19.18
N LYS A 94 8.84 -18.03 20.32
CA LYS A 94 7.85 -18.88 20.95
C LYS A 94 7.37 -18.22 22.25
N VAL A 95 6.06 -18.09 22.39
CA VAL A 95 5.49 -17.36 23.51
C VAL A 95 4.81 -18.31 24.49
N HIS A 96 5.16 -18.19 25.77
CA HIS A 96 4.59 -19.02 26.81
C HIS A 96 3.72 -18.17 27.73
N ASN A 97 2.53 -18.68 28.03
CA ASN A 97 1.59 -18.00 28.91
C ASN A 97 0.56 -18.98 29.46
N LYS A 98 0.23 -18.86 30.74
CA LYS A 98 -0.68 -19.80 31.39
C LYS A 98 -2.06 -19.86 30.73
N ALA A 99 -2.48 -18.76 30.12
CA ALA A 99 -3.78 -18.72 29.46
C ALA A 99 -3.77 -19.42 28.11
N LEU A 100 -2.59 -19.90 27.70
CA LEU A 100 -2.46 -20.59 26.41
C LEU A 100 -2.59 -22.11 26.53
N PRO A 101 -3.44 -22.70 25.69
CA PRO A 101 -3.56 -24.15 25.59
C PRO A 101 -2.21 -24.77 25.21
N ALA A 102 -1.43 -24.02 24.46
CA ALA A 102 -0.08 -24.44 24.05
C ALA A 102 0.72 -23.22 23.64
N PRO A 103 2.06 -23.32 23.71
CA PRO A 103 2.93 -22.20 23.30
C PRO A 103 2.64 -21.77 21.87
N ILE A 104 2.71 -20.47 21.62
CA ILE A 104 2.48 -19.91 20.28
C ILE A 104 3.79 -19.52 19.61
N GLU A 105 3.99 -20.01 18.38
CA GLU A 105 5.20 -19.70 17.62
C GLU A 105 4.88 -18.83 16.40
N LYS A 106 5.73 -17.85 16.16
CA LYS A 106 5.64 -17.04 14.95
C LYS A 106 7.01 -17.01 14.31
N THR A 107 7.05 -17.00 12.98
CA THR A 107 8.31 -17.00 12.26
C THR A 107 8.37 -15.92 11.21
N ILE A 108 9.59 -15.45 10.94
CA ILE A 108 9.77 -14.43 9.93
C ILE A 108 11.16 -14.53 9.31
N SER A 109 11.26 -14.20 8.03
CA SER A 109 12.54 -14.14 7.35
C SER A 109 12.43 -13.22 6.14
N LYS A 110 13.56 -12.82 5.60
CA LYS A 110 13.57 -12.01 4.39
C LYS A 110 12.96 -12.80 3.23
N ALA A 111 12.35 -12.10 2.28
CA ALA A 111 11.84 -12.76 1.08
C ALA A 111 12.95 -13.52 0.36
N ARG A 112 12.64 -14.73 -0.10
CA ARG A 112 13.64 -15.56 -0.78
C ARG A 112 13.81 -15.19 -2.24
N GLY A 113 15.02 -15.39 -2.75
CA GLY A 113 15.31 -15.21 -4.16
C GLY A 113 16.50 -14.30 -4.34
N GLN A 114 17.20 -14.47 -5.46
CA GLN A 114 18.37 -13.66 -5.77
C GLN A 114 18.07 -12.17 -5.67
N PRO A 115 18.76 -11.46 -4.77
CA PRO A 115 18.56 -10.00 -4.75
C PRO A 115 18.95 -9.34 -6.08
N LEU A 116 18.16 -8.35 -6.48
CA LEU A 116 18.40 -7.64 -7.73
C LEU A 116 18.55 -6.16 -7.47
N GLU A 117 19.52 -5.55 -8.13
CA GLU A 117 19.92 -4.18 -7.85
C GLU A 117 18.94 -3.14 -8.40
N PRO A 118 18.61 -2.12 -7.59
CA PRO A 118 17.76 -1.03 -8.06
C PRO A 118 18.49 -0.21 -9.11
N LYS A 119 17.78 0.17 -10.17
CA LYS A 119 18.30 1.14 -11.14
C LYS A 119 17.64 2.45 -10.80
N VAL A 120 18.45 3.47 -10.52
CA VAL A 120 17.95 4.71 -9.96
C VAL A 120 18.07 5.85 -10.98
N TYR A 121 16.99 6.58 -11.20
CA TYR A 121 16.98 7.69 -12.14
C TYR A 121 16.31 8.91 -11.54
N THR A 122 16.85 10.09 -11.83
CA THR A 122 16.18 11.32 -11.43
C THR A 122 15.61 12.01 -12.65
N MET A 123 14.46 12.65 -12.49
CA MET A 123 13.84 13.40 -13.57
C MET A 123 13.38 14.77 -13.05
N GLY A 124 13.58 15.80 -13.86
CA GLY A 124 13.26 17.16 -13.47
C GLY A 124 11.76 17.43 -13.50
N PRO A 125 11.36 18.65 -13.14
CA PRO A 125 9.95 19.04 -13.16
C PRO A 125 9.42 19.09 -14.58
N PRO A 126 8.15 18.70 -14.79
CA PRO A 126 7.51 18.95 -16.08
C PRO A 126 7.51 20.45 -16.40
N ARG A 127 7.64 20.79 -17.67
CA ARG A 127 7.69 22.20 -18.07
C ARG A 127 6.45 22.94 -17.58
N GLU A 128 5.31 22.25 -17.59
CA GLU A 128 4.04 22.85 -17.21
C GLU A 128 4.05 23.34 -15.76
N GLU A 129 4.95 22.80 -14.96
CA GLU A 129 4.97 23.05 -13.53
C GLU A 129 5.76 24.29 -13.16
N LEU A 130 6.64 24.72 -14.07
CA LEU A 130 7.56 25.82 -13.79
C LEU A 130 6.87 27.15 -13.46
N SER A 131 5.58 27.25 -13.75
CA SER A 131 4.83 28.47 -13.49
C SER A 131 4.26 28.54 -12.07
N SER A 132 4.45 27.48 -11.30
CA SER A 132 3.95 27.43 -9.91
C SER A 132 5.02 27.85 -8.92
N ARG A 133 4.64 27.95 -7.64
CA ARG A 133 5.59 28.32 -6.59
C ARG A 133 6.48 27.15 -6.18
N SER A 134 6.03 25.93 -6.50
N SER A 134 6.03 25.94 -6.49
CA SER A 134 6.82 24.74 -6.21
CA SER A 134 6.80 24.74 -6.22
C SER A 134 6.83 23.79 -7.41
C SER A 134 6.85 23.83 -7.44
N VAL A 135 7.87 22.99 -7.51
CA VAL A 135 7.99 22.02 -8.59
C VAL A 135 8.27 20.65 -8.00
N SER A 136 8.10 19.61 -8.82
CA SER A 136 8.24 18.22 -8.38
C SER A 136 9.47 17.57 -9.00
N LEU A 137 10.37 17.07 -8.16
CA LEU A 137 11.51 16.31 -8.65
C LEU A 137 11.21 14.84 -8.40
N THR A 138 11.49 14.00 -9.40
CA THR A 138 11.10 12.60 -9.34
C THR A 138 12.33 11.69 -9.33
N CYS A 139 12.31 10.71 -8.44
CA CYS A 139 13.32 9.66 -8.42
C CYS A 139 12.61 8.37 -8.77
N MET A 140 12.93 7.80 -9.93
CA MET A 140 12.33 6.54 -10.35
C MET A 140 13.30 5.42 -10.00
N ILE A 141 12.79 4.38 -9.34
CA ILE A 141 13.65 3.31 -8.86
C ILE A 141 13.09 1.95 -9.28
N ASN A 142 13.75 1.32 -10.26
CA ASN A 142 13.21 0.13 -10.90
C ASN A 142 14.05 -1.12 -10.70
N GLY A 143 13.38 -2.27 -10.76
CA GLY A 143 14.03 -3.56 -10.95
C GLY A 143 14.68 -4.20 -9.74
N PHE A 144 14.27 -3.78 -8.55
CA PHE A 144 14.92 -4.31 -7.34
C PHE A 144 14.20 -5.48 -6.71
N TYR A 145 14.96 -6.29 -5.98
CA TYR A 145 14.41 -7.42 -5.22
C TYR A 145 15.40 -7.77 -4.12
N PRO A 146 14.91 -8.06 -2.90
CA PRO A 146 13.49 -8.01 -2.53
C PRO A 146 12.99 -6.58 -2.37
N SER A 147 11.76 -6.41 -1.91
CA SER A 147 11.13 -5.09 -1.88
C SER A 147 11.69 -4.17 -0.79
N ASP A 148 12.43 -4.73 0.16
CA ASP A 148 13.02 -3.95 1.26
C ASP A 148 14.00 -2.90 0.76
N ILE A 149 13.71 -1.62 1.01
CA ILE A 149 14.53 -0.56 0.44
C ILE A 149 14.41 0.71 1.29
N SER A 150 15.41 1.58 1.20
CA SER A 150 15.35 2.88 1.87
C SER A 150 15.69 4.02 0.91
N VAL A 151 14.83 5.04 0.88
CA VAL A 151 15.02 6.15 -0.06
C VAL A 151 14.92 7.47 0.69
N GLU A 152 15.90 8.34 0.48
CA GLU A 152 15.91 9.68 1.06
C GLU A 152 16.37 10.72 0.03
N TRP A 153 16.29 11.99 0.38
CA TRP A 153 16.77 13.07 -0.48
C TRP A 153 17.70 13.99 0.31
N GLU A 154 18.69 14.53 -0.38
CA GLU A 154 19.60 15.49 0.23
C GLU A 154 19.78 16.71 -0.68
N LYS A 155 20.23 17.81 -0.08
CA LYS A 155 20.68 18.97 -0.82
C LYS A 155 21.89 19.53 -0.11
N ASN A 156 23.02 19.59 -0.80
CA ASN A 156 24.25 20.07 -0.20
C ASN A 156 24.65 19.26 1.03
N GLY A 157 24.52 17.94 0.93
CA GLY A 157 24.89 17.05 2.01
C GLY A 157 23.98 17.17 3.22
N LYS A 158 22.89 17.92 3.05
CA LYS A 158 21.91 18.08 4.12
C LYS A 158 20.62 17.38 3.74
N ALA A 159 20.05 16.63 4.69
CA ALA A 159 18.81 15.91 4.44
C ALA A 159 17.66 16.84 4.05
N GLU A 160 16.91 16.45 3.03
CA GLU A 160 15.69 17.14 2.65
C GLU A 160 14.51 16.40 3.26
N ASP A 161 13.48 17.13 3.70
CA ASP A 161 12.34 16.52 4.38
C ASP A 161 11.06 16.51 3.55
N ASN A 162 10.94 17.39 2.57
CA ASN A 162 9.67 17.61 1.90
C ASN A 162 9.41 16.63 0.75
N TYR A 163 9.57 15.34 1.04
CA TYR A 163 9.36 14.33 0.00
C TYR A 163 8.39 13.24 0.45
N LYS A 164 7.81 12.55 -0.53
N LYS A 164 7.82 12.54 -0.53
CA LYS A 164 6.94 11.42 -0.26
CA LYS A 164 6.94 11.42 -0.27
C LYS A 164 7.31 10.31 -1.23
C LYS A 164 7.28 10.31 -1.25
N THR A 165 7.30 9.08 -0.76
CA THR A 165 7.71 7.93 -1.57
C THR A 165 6.55 6.95 -1.66
N THR A 166 6.31 6.40 -2.84
CA THR A 166 5.23 5.42 -2.98
C THR A 166 5.66 4.10 -2.36
N PRO A 167 4.69 3.26 -2.01
CA PRO A 167 5.02 1.89 -1.63
C PRO A 167 5.71 1.22 -2.81
N ALA A 168 6.49 0.17 -2.56
CA ALA A 168 7.05 -0.61 -3.65
C ALA A 168 5.95 -1.39 -4.35
N VAL A 169 6.05 -1.49 -5.67
CA VAL A 169 5.03 -2.14 -6.48
C VAL A 169 5.64 -3.32 -7.21
N LEU A 170 4.96 -4.47 -7.16
CA LEU A 170 5.43 -5.66 -7.88
C LEU A 170 5.31 -5.46 -9.38
N ASP A 171 6.43 -5.54 -10.08
CA ASP A 171 6.44 -5.30 -11.52
C ASP A 171 6.18 -6.61 -12.29
N SER A 172 6.01 -6.50 -13.60
CA SER A 172 5.64 -7.67 -14.41
C SER A 172 6.69 -8.79 -14.44
N ASP A 173 7.96 -8.45 -14.20
CA ASP A 173 9.02 -9.45 -14.25
C ASP A 173 9.37 -10.03 -12.87
N GLY A 174 8.58 -9.68 -11.86
CA GLY A 174 8.83 -10.20 -10.52
C GLY A 174 9.71 -9.31 -9.67
N SER A 175 10.27 -8.25 -10.26
CA SER A 175 11.03 -7.29 -9.49
C SER A 175 10.09 -6.19 -8.98
N TYR A 176 10.61 -5.26 -8.20
CA TYR A 176 9.79 -4.17 -7.66
C TYR A 176 10.27 -2.82 -8.18
N PHE A 177 9.36 -1.86 -8.21
CA PHE A 177 9.72 -0.48 -8.45
C PHE A 177 8.98 0.44 -7.51
N LEU A 178 9.44 1.67 -7.41
CA LEU A 178 8.69 2.72 -6.72
C LEU A 178 9.14 4.07 -7.26
N TYR A 179 8.45 5.11 -6.86
CA TYR A 179 8.85 6.48 -7.17
C TYR A 179 8.91 7.27 -5.87
N SER A 180 9.81 8.26 -5.81
CA SER A 180 9.83 9.21 -4.69
C SER A 180 9.75 10.61 -5.28
N LYS A 181 8.93 11.47 -4.67
CA LYS A 181 8.71 12.82 -5.16
C LYS A 181 9.15 13.85 -4.13
N LEU A 182 10.08 14.70 -4.53
CA LEU A 182 10.55 15.79 -3.68
C LEU A 182 9.95 17.10 -4.17
N SER A 183 9.24 17.80 -3.29
N SER A 183 9.23 17.80 -3.30
CA SER A 183 8.67 19.10 -3.59
CA SER A 183 8.68 19.11 -3.62
C SER A 183 9.65 20.19 -3.17
C SER A 183 9.65 20.20 -3.18
N VAL A 184 10.02 21.07 -4.11
CA VAL A 184 10.96 22.15 -3.82
C VAL A 184 10.46 23.49 -4.35
N PRO A 185 10.83 24.59 -3.65
CA PRO A 185 10.48 25.92 -4.17
C PRO A 185 11.08 26.11 -5.56
N THR A 186 10.28 26.61 -6.48
CA THR A 186 10.71 26.79 -7.86
C THR A 186 11.99 27.61 -7.93
N SER A 187 12.11 28.60 -7.05
CA SER A 187 13.29 29.45 -7.01
C SER A 187 14.56 28.65 -6.79
N GLU A 188 14.47 27.60 -5.98
CA GLU A 188 15.62 26.76 -5.70
C GLU A 188 16.02 25.94 -6.91
N TRP A 189 15.03 25.44 -7.64
CA TRP A 189 15.29 24.72 -8.87
C TRP A 189 15.89 25.66 -9.92
N GLN A 190 15.23 26.80 -10.12
CA GLN A 190 15.65 27.74 -11.17
C GLN A 190 17.06 28.29 -10.96
N ARG A 191 17.47 28.45 -9.70
CA ARG A 191 18.77 29.04 -9.42
C ARG A 191 19.92 28.05 -9.52
N GLY A 192 19.59 26.77 -9.69
CA GLY A 192 20.61 25.76 -9.96
C GLY A 192 21.04 24.89 -8.79
N ASP A 193 20.23 24.85 -7.73
CA ASP A 193 20.54 23.97 -6.60
C ASP A 193 20.59 22.53 -7.08
N VAL A 194 21.45 21.72 -6.46
CA VAL A 194 21.57 20.32 -6.80
C VAL A 194 20.84 19.44 -5.78
N PHE A 195 19.94 18.59 -6.26
CA PHE A 195 19.17 17.71 -5.38
C PHE A 195 19.56 16.27 -5.63
N THR A 196 19.61 15.49 -4.57
CA THR A 196 20.09 14.13 -4.66
C THR A 196 19.11 13.12 -4.06
N CYS A 197 18.81 12.10 -4.83
N CYS A 197 18.79 12.08 -4.79
CA CYS A 197 18.05 10.96 -4.37
CA CYS A 197 17.97 11.02 -4.22
C CYS A 197 19.05 9.90 -3.91
C CYS A 197 18.83 9.78 -3.94
N SER A 198 18.95 9.47 -2.66
CA SER A 198 19.85 8.41 -2.18
C SER A 198 19.07 7.15 -1.84
N VAL A 199 19.67 6.00 -2.10
CA VAL A 199 18.97 4.74 -2.00
C VAL A 199 19.83 3.69 -1.32
N MET A 200 19.24 2.97 -0.36
CA MET A 200 19.91 1.83 0.22
C MET A 200 19.13 0.57 -0.05
N HIS A 201 19.83 -0.46 -0.51
CA HIS A 201 19.25 -1.73 -0.84
C HIS A 201 20.36 -2.76 -0.77
N GLU A 202 20.04 -4.00 -0.43
CA GLU A 202 21.09 -4.99 -0.16
C GLU A 202 21.86 -5.42 -1.41
N ALA A 203 21.28 -5.20 -2.59
CA ALA A 203 21.92 -5.64 -3.83
C ALA A 203 22.91 -4.61 -4.41
N LEU A 204 22.96 -3.43 -3.80
CA LEU A 204 23.89 -2.40 -4.25
C LEU A 204 25.28 -2.59 -3.63
N HIS A 205 26.31 -2.18 -4.37
CA HIS A 205 27.65 -2.12 -3.81
C HIS A 205 27.64 -1.19 -2.61
N ASN A 206 28.20 -1.65 -1.49
CA ASN A 206 28.16 -0.89 -0.25
C ASN A 206 26.74 -0.54 0.20
N HIS A 207 25.76 -1.28 -0.32
CA HIS A 207 24.35 -1.09 0.00
C HIS A 207 23.84 0.33 -0.25
N TYR A 208 24.52 1.06 -1.13
CA TYR A 208 24.22 2.47 -1.30
C TYR A 208 24.45 2.96 -2.73
N THR A 209 23.54 3.81 -3.22
CA THR A 209 23.81 4.57 -4.42
C THR A 209 23.04 5.88 -4.34
N GLN A 210 23.43 6.86 -5.15
CA GLN A 210 22.72 8.14 -5.19
C GLN A 210 22.74 8.69 -6.61
N LYS A 211 21.74 9.50 -6.93
CA LYS A 211 21.66 10.17 -8.21
C LYS A 211 21.23 11.60 -8.00
N SER A 212 21.89 12.53 -8.69
CA SER A 212 21.63 13.94 -8.47
C SER A 212 20.90 14.57 -9.67
N ILE A 213 20.30 15.72 -9.45
CA ILE A 213 19.67 16.44 -10.54
C ILE A 213 19.63 17.93 -10.25
N SER A 214 19.77 18.74 -11.30
CA SER A 214 19.69 20.19 -11.21
C SER A 214 19.34 20.73 -12.58
N ARG A 215 18.93 21.99 -12.63
CA ARG A 215 18.49 22.58 -13.90
C ARG A 215 19.63 22.63 -14.91
N SER A 216 19.32 22.26 -16.15
CA SER A 216 20.31 22.26 -17.22
C SER A 216 20.35 23.60 -17.95
N PRO B 3 -20.71 -3.23 21.74
CA PRO B 3 -21.55 -4.27 21.12
C PRO B 3 -20.95 -5.66 21.30
N PRO B 4 -21.75 -6.61 21.81
CA PRO B 4 -21.36 -8.00 22.10
C PRO B 4 -20.60 -8.62 20.94
N GLU B 5 -19.33 -8.97 21.16
CA GLU B 5 -18.50 -9.55 20.13
C GLU B 5 -18.18 -11.01 20.41
N LEU B 6 -18.55 -11.87 19.46
CA LEU B 6 -18.37 -13.31 19.60
C LEU B 6 -17.03 -13.80 19.05
N LEU B 7 -16.25 -14.45 19.91
CA LEU B 7 -14.94 -14.96 19.51
C LEU B 7 -15.04 -16.13 18.54
N GLY B 8 -14.35 -16.03 17.41
CA GLY B 8 -14.34 -17.08 16.42
C GLY B 8 -15.53 -17.04 15.49
N GLY B 9 -16.45 -16.10 15.75
CA GLY B 9 -17.64 -15.96 14.94
C GLY B 9 -17.37 -15.27 13.62
N PRO B 10 -18.43 -15.04 12.83
CA PRO B 10 -18.29 -14.38 11.53
C PRO B 10 -17.76 -12.95 11.68
N SER B 11 -17.06 -12.46 10.68
CA SER B 11 -16.68 -11.05 10.65
C SER B 11 -17.05 -10.49 9.28
N VAL B 12 -17.30 -9.19 9.23
CA VAL B 12 -17.80 -8.55 8.01
C VAL B 12 -16.86 -7.45 7.53
N PHE B 13 -16.63 -7.41 6.23
CA PHE B 13 -15.84 -6.36 5.62
C PHE B 13 -16.63 -5.72 4.48
N ILE B 14 -16.56 -4.40 4.38
CA ILE B 14 -17.30 -3.68 3.34
C ILE B 14 -16.31 -3.01 2.39
N PHE B 15 -16.63 -3.01 1.10
CA PHE B 15 -15.72 -2.50 0.09
C PHE B 15 -16.40 -1.50 -0.85
N PRO B 16 -15.67 -0.46 -1.27
CA PRO B 16 -16.24 0.57 -2.14
C PRO B 16 -16.34 0.09 -3.57
N PRO B 17 -17.06 0.83 -4.42
CA PRO B 17 -17.08 0.52 -5.85
C PRO B 17 -15.74 0.84 -6.48
N LYS B 18 -15.48 0.29 -7.65
CA LYS B 18 -14.30 0.63 -8.43
C LYS B 18 -14.46 2.01 -9.01
N PRO B 19 -13.42 2.84 -8.93
CA PRO B 19 -13.51 4.21 -9.46
C PRO B 19 -13.96 4.26 -10.91
N LYS B 20 -13.45 3.37 -11.75
CA LYS B 20 -13.84 3.37 -13.16
C LYS B 20 -15.33 3.10 -13.36
N ASP B 21 -15.91 2.29 -12.48
CA ASP B 21 -17.34 1.99 -12.52
C ASP B 21 -18.17 3.20 -12.13
N THR B 22 -17.71 3.88 -11.09
N THR B 22 -17.71 3.90 -11.10
CA THR B 22 -18.39 5.07 -10.57
CA THR B 22 -18.44 5.06 -10.59
C THR B 22 -18.38 6.21 -11.59
C THR B 22 -18.36 6.25 -11.55
N LEU B 23 -17.29 6.30 -12.34
CA LEU B 23 -17.05 7.46 -13.20
C LEU B 23 -17.53 7.30 -14.63
N MET B 24 -17.94 6.09 -15.00
CA MET B 24 -18.45 5.84 -16.35
C MET B 24 -19.94 5.53 -16.30
N ILE B 25 -20.74 6.40 -16.90
CA ILE B 25 -22.19 6.28 -16.86
C ILE B 25 -22.67 4.93 -17.41
N SER B 26 -21.85 4.30 -18.24
CA SER B 26 -22.23 3.04 -18.89
C SER B 26 -22.00 1.83 -18.00
N ARG B 27 -21.24 2.03 -16.93
CA ARG B 27 -20.93 0.93 -16.02
C ARG B 27 -21.83 0.96 -14.79
N THR B 28 -21.83 -0.13 -14.02
CA THR B 28 -22.67 -0.21 -12.84
C THR B 28 -21.80 -0.40 -11.59
N PRO B 29 -21.58 0.67 -10.83
CA PRO B 29 -20.80 0.56 -9.59
C PRO B 29 -21.57 -0.24 -8.54
N GLU B 30 -20.85 -0.94 -7.68
N GLU B 30 -20.83 -0.94 -7.69
CA GLU B 30 -21.49 -1.73 -6.64
CA GLU B 30 -21.43 -1.77 -6.65
C GLU B 30 -20.70 -1.63 -5.34
C GLU B 30 -20.69 -1.60 -5.33
N VAL B 31 -21.43 -1.70 -4.22
CA VAL B 31 -20.81 -1.78 -2.91
C VAL B 31 -20.88 -3.25 -2.51
N THR B 32 -19.82 -3.73 -1.87
CA THR B 32 -19.73 -5.16 -1.58
C THR B 32 -19.54 -5.41 -0.09
N CYS B 33 -20.33 -6.34 0.43
N CYS B 33 -20.34 -6.30 0.46
CA CYS B 33 -20.25 -6.77 1.82
CA CYS B 33 -20.13 -6.72 1.83
C CYS B 33 -19.81 -8.23 1.86
C CYS B 33 -19.82 -8.21 1.91
N VAL B 34 -18.70 -8.51 2.55
CA VAL B 34 -18.19 -9.88 2.62
C VAL B 34 -18.18 -10.38 4.05
N VAL B 35 -18.79 -11.55 4.26
CA VAL B 35 -18.81 -12.18 5.56
C VAL B 35 -17.92 -13.42 5.54
N VAL B 36 -16.95 -13.47 6.46
CA VAL B 36 -16.06 -14.63 6.53
C VAL B 36 -16.18 -15.32 7.87
N ASP B 37 -15.61 -16.52 7.96
CA ASP B 37 -15.71 -17.32 9.18
C ASP B 37 -17.15 -17.69 9.53
N VAL B 38 -17.95 -17.96 8.50
CA VAL B 38 -19.30 -18.49 8.71
C VAL B 38 -19.19 -19.99 8.94
N SER B 39 -19.87 -20.47 9.98
CA SER B 39 -19.75 -21.86 10.39
C SER B 39 -20.66 -22.78 9.59
N GLN B 40 -20.26 -24.04 9.47
CA GLN B 40 -21.06 -25.04 8.77
C GLN B 40 -22.36 -25.30 9.52
N ASP B 41 -22.32 -25.21 10.85
CA ASP B 41 -23.48 -25.46 11.69
C ASP B 41 -24.54 -24.37 11.56
N ASP B 42 -24.12 -23.15 11.26
CA ASP B 42 -25.04 -22.04 11.05
C ASP B 42 -24.65 -21.26 9.81
N PRO B 43 -25.01 -21.79 8.63
CA PRO B 43 -24.54 -21.31 7.33
C PRO B 43 -25.40 -20.19 6.77
N GLU B 44 -26.64 -20.09 7.22
CA GLU B 44 -27.56 -19.09 6.70
C GLU B 44 -27.15 -17.68 7.09
N VAL B 45 -27.06 -16.79 6.10
CA VAL B 45 -26.71 -15.40 6.33
C VAL B 45 -27.69 -14.52 5.57
N GLN B 46 -28.29 -13.56 6.26
CA GLN B 46 -29.14 -12.59 5.58
C GLN B 46 -28.50 -11.20 5.63
N PHE B 47 -28.71 -10.44 4.56
CA PHE B 47 -28.21 -9.08 4.48
C PHE B 47 -29.35 -8.08 4.36
N THR B 48 -29.23 -6.99 5.09
N THR B 48 -29.22 -6.97 5.07
CA THR B 48 -30.08 -5.84 4.84
CA THR B 48 -30.11 -5.83 4.86
C THR B 48 -29.18 -4.69 4.42
C THR B 48 -29.29 -4.59 4.52
N TRP B 49 -29.62 -3.95 3.42
CA TRP B 49 -28.83 -2.81 2.92
C TRP B 49 -29.57 -1.50 3.15
N TYR B 50 -28.81 -0.43 3.38
CA TYR B 50 -29.37 0.89 3.57
C TYR B 50 -28.53 1.95 2.87
N ILE B 51 -29.19 3.00 2.41
CA ILE B 51 -28.51 4.18 1.89
C ILE B 51 -29.00 5.37 2.69
N ASN B 52 -28.08 6.08 3.32
CA ASN B 52 -28.45 7.11 4.31
C ASN B 52 -29.56 6.64 5.24
N ASN B 53 -29.46 5.38 5.68
CA ASN B 53 -30.39 4.82 6.65
C ASN B 53 -31.77 4.46 6.12
N GLU B 54 -31.98 4.60 4.82
CA GLU B 54 -33.20 4.13 4.18
C GLU B 54 -32.95 2.73 3.62
N GLN B 55 -33.80 1.77 3.98
CA GLN B 55 -33.58 0.40 3.53
C GLN B 55 -33.83 0.26 2.03
N VAL B 56 -32.93 -0.45 1.35
CA VAL B 56 -33.07 -0.70 -0.07
C VAL B 56 -32.87 -2.19 -0.33
N ARG B 57 -33.42 -2.67 -1.44
CA ARG B 57 -33.23 -4.07 -1.80
C ARG B 57 -32.17 -4.20 -2.88
N THR B 58 -31.34 -5.25 -2.79
CA THR B 58 -30.47 -5.60 -3.90
C THR B 58 -31.06 -6.79 -4.65
N ALA B 59 -30.92 -6.80 -5.96
CA ALA B 59 -31.45 -7.89 -6.78
C ALA B 59 -30.48 -9.06 -6.78
N ARG B 60 -29.30 -8.84 -6.20
CA ARG B 60 -28.25 -9.84 -6.18
C ARG B 60 -28.36 -10.74 -4.95
N PRO B 61 -28.76 -12.00 -5.16
CA PRO B 61 -28.78 -12.95 -4.04
C PRO B 61 -27.37 -13.15 -3.49
N PRO B 62 -27.24 -13.41 -2.18
CA PRO B 62 -25.92 -13.59 -1.57
C PRO B 62 -25.24 -14.82 -2.15
N LEU B 63 -23.94 -14.74 -2.39
CA LEU B 63 -23.17 -15.86 -2.93
C LEU B 63 -22.40 -16.57 -1.82
N ARG B 64 -22.67 -17.87 -1.64
CA ARG B 64 -22.05 -18.66 -0.58
C ARG B 64 -20.92 -19.52 -1.14
N GLU B 65 -19.73 -19.44 -0.54
N GLU B 65 -19.75 -19.45 -0.51
CA GLU B 65 -18.56 -20.17 -1.06
CA GLU B 65 -18.56 -20.15 -0.99
C GLU B 65 -17.72 -20.84 0.04
C GLU B 65 -17.87 -20.90 0.14
N GLN B 66 -17.45 -22.13 -0.13
CA GLN B 66 -16.66 -22.90 0.82
C GLN B 66 -15.21 -22.47 0.75
N GLN B 67 -14.54 -22.36 1.91
CA GLN B 67 -13.15 -21.94 1.94
C GLN B 67 -12.20 -23.10 2.27
N PHE B 68 -10.95 -22.98 1.85
CA PHE B 68 -9.96 -24.01 2.13
C PHE B 68 -9.73 -24.17 3.64
N ASN B 69 -9.98 -23.11 4.40
CA ASN B 69 -9.80 -23.17 5.85
C ASN B 69 -11.02 -23.69 6.62
N SER B 70 -11.92 -24.38 5.91
CA SER B 70 -13.05 -25.07 6.52
C SER B 70 -14.18 -24.14 6.93
N THR B 71 -14.16 -22.91 6.45
CA THR B 71 -15.21 -21.96 6.79
C THR B 71 -16.02 -21.63 5.55
N ILE B 72 -17.08 -20.87 5.75
CA ILE B 72 -17.88 -20.38 4.64
C ILE B 72 -17.68 -18.88 4.50
N ARG B 73 -17.70 -18.41 3.26
CA ARG B 73 -17.61 -16.99 2.96
C ARG B 73 -18.88 -16.62 2.19
N VAL B 74 -19.51 -15.51 2.56
CA VAL B 74 -20.72 -15.08 1.89
C VAL B 74 -20.58 -13.65 1.40
N VAL B 75 -20.93 -13.43 0.14
CA VAL B 75 -20.74 -12.13 -0.50
C VAL B 75 -22.08 -11.56 -0.95
N SER B 76 -22.32 -10.30 -0.58
CA SER B 76 -23.52 -9.59 -1.01
C SER B 76 -23.11 -8.35 -1.76
N THR B 77 -23.68 -8.17 -2.94
CA THR B 77 -23.36 -7.05 -3.81
C THR B 77 -24.57 -6.13 -3.97
N LEU B 78 -24.35 -4.83 -3.75
CA LEU B 78 -25.40 -3.82 -3.91
C LEU B 78 -25.08 -2.87 -5.07
N PRO B 79 -25.77 -3.01 -6.20
CA PRO B 79 -25.59 -2.04 -7.28
C PRO B 79 -26.07 -0.68 -6.78
N ILE B 80 -25.35 0.39 -7.09
CA ILE B 80 -25.74 1.73 -6.62
C ILE B 80 -25.78 2.75 -7.74
N ALA B 81 -26.52 3.84 -7.51
CA ALA B 81 -26.51 4.98 -8.41
C ALA B 81 -25.15 5.68 -8.31
N HIS B 82 -24.59 6.04 -9.46
CA HIS B 82 -23.32 6.75 -9.52
C HIS B 82 -23.35 7.96 -8.57
N GLN B 83 -24.42 8.73 -8.66
CA GLN B 83 -24.51 9.98 -7.89
C GLN B 83 -24.65 9.75 -6.38
N ASP B 84 -25.21 8.61 -5.99
CA ASP B 84 -25.30 8.30 -4.57
C ASP B 84 -23.90 8.18 -3.96
N TRP B 85 -22.98 7.57 -4.70
CA TRP B 85 -21.61 7.49 -4.21
C TRP B 85 -20.95 8.87 -4.26
N LEU B 86 -21.00 9.52 -5.43
CA LEU B 86 -20.28 10.76 -5.64
C LEU B 86 -20.79 11.92 -4.78
N ARG B 87 -22.05 11.86 -4.38
CA ARG B 87 -22.58 12.93 -3.53
C ARG B 87 -22.45 12.61 -2.05
N GLY B 88 -21.77 11.50 -1.75
CA GLY B 88 -21.34 11.20 -0.39
C GLY B 88 -22.34 10.51 0.51
N LYS B 89 -23.28 9.77 -0.07
CA LYS B 89 -24.25 9.06 0.75
C LYS B 89 -23.57 7.92 1.49
N GLU B 90 -24.14 7.51 2.62
CA GLU B 90 -23.58 6.43 3.40
C GLU B 90 -24.24 5.10 3.08
N PHE B 91 -23.44 4.09 2.76
CA PHE B 91 -23.95 2.77 2.45
C PHE B 91 -23.71 1.84 3.63
N LYS B 92 -24.76 1.16 4.06
CA LYS B 92 -24.68 0.32 5.24
C LYS B 92 -25.19 -1.08 4.94
N CYS B 93 -24.40 -2.10 5.30
N CYS B 93 -24.41 -2.08 5.35
CA CYS B 93 -24.86 -3.48 5.23
CA CYS B 93 -24.86 -3.46 5.26
C CYS B 93 -25.00 -4.05 6.64
C CYS B 93 -25.01 -4.02 6.66
N LYS B 94 -26.14 -4.67 6.92
CA LYS B 94 -26.39 -5.30 8.19
C LYS B 94 -26.43 -6.80 7.98
N VAL B 95 -25.61 -7.53 8.73
CA VAL B 95 -25.45 -8.97 8.54
C VAL B 95 -26.13 -9.75 9.66
N HIS B 96 -26.99 -10.69 9.28
CA HIS B 96 -27.73 -11.50 10.24
C HIS B 96 -27.29 -12.97 10.17
N ASN B 97 -26.96 -13.54 11.33
CA ASN B 97 -26.55 -14.95 11.40
C ASN B 97 -26.89 -15.48 12.78
N LYS B 98 -27.40 -16.70 12.84
CA LYS B 98 -27.85 -17.27 14.12
C LYS B 98 -26.76 -17.35 15.18
N ALA B 99 -25.50 -17.50 14.75
CA ALA B 99 -24.40 -17.62 15.70
C ALA B 99 -24.05 -16.28 16.36
N LEU B 100 -24.47 -15.19 15.74
CA LEU B 100 -24.16 -13.84 16.23
C LEU B 100 -25.11 -13.43 17.34
N PRO B 101 -24.58 -12.85 18.42
CA PRO B 101 -25.41 -12.36 19.53
C PRO B 101 -26.20 -11.12 19.09
N ALA B 102 -25.66 -10.40 18.11
CA ALA B 102 -26.34 -9.25 17.53
C ALA B 102 -25.89 -9.08 16.09
N PRO B 103 -26.76 -8.49 15.24
CA PRO B 103 -26.39 -8.28 13.84
C PRO B 103 -25.13 -7.44 13.73
N ILE B 104 -24.31 -7.70 12.72
CA ILE B 104 -23.10 -6.91 12.50
C ILE B 104 -23.33 -5.90 11.39
N GLU B 105 -22.99 -4.64 11.67
CA GLU B 105 -23.16 -3.57 10.69
C GLU B 105 -21.83 -2.97 10.24
N LYS B 106 -21.71 -2.74 8.94
CA LYS B 106 -20.57 -2.00 8.39
C LYS B 106 -21.07 -0.89 7.48
N THR B 107 -20.41 0.27 7.52
CA THR B 107 -20.79 1.38 6.65
C THR B 107 -19.60 1.87 5.85
N ILE B 108 -19.89 2.46 4.70
CA ILE B 108 -18.86 3.04 3.87
C ILE B 108 -19.43 4.23 3.11
N SER B 109 -18.57 5.20 2.83
CA SER B 109 -18.93 6.34 2.02
C SER B 109 -17.67 6.94 1.43
N LYS B 110 -17.83 7.73 0.39
CA LYS B 110 -16.70 8.43 -0.22
C LYS B 110 -16.07 9.38 0.79
N ALA B 111 -14.76 9.55 0.74
CA ALA B 111 -14.09 10.51 1.61
C ALA B 111 -14.69 11.90 1.42
N ARG B 112 -14.87 12.63 2.52
CA ARG B 112 -15.49 13.95 2.47
C ARG B 112 -14.48 15.07 2.23
N GLY B 113 -14.96 16.14 1.60
CA GLY B 113 -14.12 17.29 1.30
C GLY B 113 -14.20 17.67 -0.16
N GLN B 114 -13.91 18.93 -0.47
CA GLN B 114 -13.97 19.42 -1.84
C GLN B 114 -13.08 18.59 -2.77
N PRO B 115 -13.68 17.98 -3.81
CA PRO B 115 -12.82 17.24 -4.73
C PRO B 115 -11.85 18.15 -5.46
N LEU B 116 -10.65 17.65 -5.68
CA LEU B 116 -9.59 18.41 -6.34
C LEU B 116 -9.13 17.65 -7.57
N GLU B 117 -8.95 18.39 -8.66
CA GLU B 117 -8.63 17.81 -9.95
C GLU B 117 -7.17 17.33 -10.02
N PRO B 118 -6.96 16.13 -10.57
CA PRO B 118 -5.59 15.67 -10.75
C PRO B 118 -4.85 16.49 -11.80
N LYS B 119 -3.59 16.78 -11.52
N LYS B 119 -3.59 16.78 -11.52
CA LYS B 119 -2.71 17.40 -12.49
CA LYS B 119 -2.71 17.40 -12.49
C LYS B 119 -1.87 16.28 -13.10
C LYS B 119 -1.86 16.30 -13.11
N VAL B 120 -1.97 16.13 -14.43
CA VAL B 120 -1.36 14.99 -15.10
C VAL B 120 -0.17 15.38 -15.95
N TYR B 121 0.97 14.72 -15.75
CA TYR B 121 2.18 15.01 -16.50
C TYR B 121 2.82 13.73 -17.01
N THR B 122 3.35 13.76 -18.23
CA THR B 122 4.07 12.63 -18.77
C THR B 122 5.54 12.98 -18.88
N MET B 123 6.40 11.99 -18.66
CA MET B 123 7.83 12.21 -18.78
C MET B 123 8.44 11.05 -19.54
N GLY B 124 9.36 11.37 -20.45
CA GLY B 124 10.03 10.38 -21.25
C GLY B 124 11.03 9.56 -20.46
N PRO B 125 11.70 8.61 -21.13
CA PRO B 125 12.65 7.73 -20.46
C PRO B 125 13.92 8.47 -20.10
N PRO B 126 14.54 8.10 -18.96
CA PRO B 126 15.88 8.59 -18.64
C PRO B 126 16.87 8.25 -19.75
N ARG B 127 17.78 9.16 -20.08
CA ARG B 127 18.73 8.88 -21.16
C ARG B 127 19.49 7.58 -20.92
N GLU B 128 19.73 7.25 -19.66
CA GLU B 128 20.46 6.03 -19.30
C GLU B 128 19.79 4.74 -19.79
N GLU B 129 18.47 4.77 -19.93
CA GLU B 129 17.71 3.59 -20.36
C GLU B 129 17.81 3.32 -21.86
N LEU B 130 18.20 4.33 -22.62
CA LEU B 130 18.12 4.25 -24.08
C LEU B 130 18.96 3.12 -24.68
N SER B 131 19.97 2.67 -23.95
CA SER B 131 20.81 1.59 -24.41
C SER B 131 20.17 0.21 -24.17
N SER B 132 19.07 0.20 -23.43
CA SER B 132 18.36 -1.05 -23.11
C SER B 132 17.35 -1.40 -24.20
N ARG B 133 16.80 -2.61 -24.14
CA ARG B 133 15.81 -3.04 -25.14
C ARG B 133 14.42 -2.48 -24.84
N SER B 134 14.21 -2.02 -23.61
N SER B 134 14.21 -2.02 -23.61
CA SER B 134 12.94 -1.39 -23.23
CA SER B 134 12.96 -1.38 -23.24
C SER B 134 13.18 -0.14 -22.40
C SER B 134 13.23 -0.10 -22.46
N VAL B 135 12.26 0.81 -22.49
CA VAL B 135 12.37 2.06 -21.75
C VAL B 135 11.10 2.28 -20.93
N SER B 136 11.19 3.09 -19.88
CA SER B 136 10.07 3.34 -18.98
C SER B 136 9.49 4.74 -19.23
N LEU B 137 8.19 4.80 -19.46
CA LEU B 137 7.51 6.09 -19.61
C LEU B 137 6.73 6.34 -18.33
N THR B 138 6.78 7.57 -17.84
CA THR B 138 6.19 7.87 -16.54
C THR B 138 5.00 8.83 -16.68
N CYS B 139 3.92 8.52 -15.98
CA CYS B 139 2.80 9.46 -15.85
C CYS B 139 2.72 9.88 -14.39
N MET B 140 3.00 11.14 -14.11
CA MET B 140 2.93 11.66 -12.74
C MET B 140 1.59 12.36 -12.57
N ILE B 141 0.88 12.00 -11.51
CA ILE B 141 -0.47 12.51 -11.30
C ILE B 141 -0.59 13.06 -9.89
N ASN B 142 -0.69 14.39 -9.77
CA ASN B 142 -0.60 15.08 -8.48
C ASN B 142 -1.85 15.87 -8.11
N GLY B 143 -2.03 16.10 -6.83
CA GLY B 143 -2.96 17.08 -6.32
C GLY B 143 -4.43 16.72 -6.33
N PHE B 144 -4.77 15.44 -6.43
CA PHE B 144 -6.18 15.07 -6.53
C PHE B 144 -6.81 14.66 -5.19
N TYR B 145 -8.12 14.79 -5.13
CA TYR B 145 -8.88 14.41 -3.94
C TYR B 145 -10.34 14.24 -4.36
N PRO B 146 -10.99 13.17 -3.85
CA PRO B 146 -10.43 12.14 -2.98
C PRO B 146 -9.51 11.19 -3.75
N SER B 147 -9.04 10.14 -3.09
CA SER B 147 -8.02 9.27 -3.68
C SER B 147 -8.55 8.32 -4.77
N ASP B 148 -9.86 8.24 -4.93
CA ASP B 148 -10.47 7.37 -5.94
C ASP B 148 -10.14 7.81 -7.36
N ILE B 149 -9.43 6.96 -8.10
CA ILE B 149 -8.94 7.37 -9.42
C ILE B 149 -8.72 6.15 -10.31
N SER B 150 -8.83 6.35 -11.62
CA SER B 150 -8.54 5.28 -12.56
C SER B 150 -7.51 5.76 -13.56
N VAL B 151 -6.50 4.93 -13.83
CA VAL B 151 -5.40 5.31 -14.72
C VAL B 151 -5.13 4.18 -15.70
N GLU B 152 -5.06 4.51 -16.99
CA GLU B 152 -4.75 3.52 -18.02
C GLU B 152 -3.79 4.14 -19.03
N TRP B 153 -3.23 3.30 -19.91
CA TRP B 153 -2.39 3.79 -21.00
C TRP B 153 -2.94 3.27 -22.32
N GLU B 154 -2.77 4.06 -23.37
CA GLU B 154 -3.12 3.64 -24.71
C GLU B 154 -1.98 3.92 -25.67
N LYS B 155 -1.99 3.25 -26.81
CA LYS B 155 -1.06 3.55 -27.89
C LYS B 155 -1.91 3.72 -29.13
N ASN B 156 -1.89 4.92 -29.69
CA ASN B 156 -2.97 5.35 -30.58
C ASN B 156 -4.30 5.26 -29.84
N GLY B 157 -5.08 4.21 -30.13
CA GLY B 157 -6.38 4.06 -29.51
C GLY B 157 -6.54 2.76 -28.74
N LYS B 158 -5.60 1.83 -28.93
CA LYS B 158 -5.69 0.52 -28.31
C LYS B 158 -5.08 0.56 -26.91
N ALA B 159 -5.68 -0.21 -26.00
CA ALA B 159 -5.16 -0.33 -24.64
C ALA B 159 -3.77 -0.94 -24.66
N GLU B 160 -2.89 -0.40 -23.83
CA GLU B 160 -1.51 -0.90 -23.73
C GLU B 160 -1.33 -2.02 -22.70
N ASP B 161 -0.31 -2.84 -22.90
CA ASP B 161 0.12 -3.81 -21.90
C ASP B 161 1.35 -3.28 -21.18
N ASN B 162 1.83 -4.04 -20.20
CA ASN B 162 3.08 -3.73 -19.54
C ASN B 162 3.09 -2.36 -18.86
N TYR B 163 2.02 -2.02 -18.17
CA TYR B 163 2.08 -0.86 -17.27
C TYR B 163 1.66 -1.22 -15.86
N LYS B 164 2.23 -0.49 -14.88
CA LYS B 164 1.89 -0.68 -13.49
C LYS B 164 1.73 0.69 -12.86
N THR B 165 0.82 0.79 -11.89
CA THR B 165 0.52 2.07 -11.26
C THR B 165 0.66 1.91 -9.75
N THR B 166 1.29 2.89 -9.11
CA THR B 166 1.47 2.82 -7.68
C THR B 166 0.14 3.10 -6.99
N PRO B 167 0.03 2.68 -5.73
CA PRO B 167 -1.12 3.12 -4.93
C PRO B 167 -1.10 4.64 -4.81
N ALA B 168 -2.24 5.24 -4.52
CA ALA B 168 -2.29 6.67 -4.24
C ALA B 168 -1.60 6.96 -2.90
N VAL B 169 -0.85 8.07 -2.84
CA VAL B 169 -0.11 8.43 -1.64
C VAL B 169 -0.58 9.77 -1.11
N LEU B 170 -0.78 9.85 0.20
CA LEU B 170 -1.22 11.10 0.82
C LEU B 170 -0.07 12.11 0.84
N ASP B 171 -0.29 13.25 0.20
CA ASP B 171 0.75 14.26 0.06
C ASP B 171 0.72 15.20 1.26
N SER B 172 1.70 16.10 1.33
N SER B 172 1.71 16.10 1.32
CA SER B 172 1.86 16.96 2.50
CA SER B 172 1.88 16.99 2.47
C SER B 172 0.73 17.98 2.68
C SER B 172 0.70 17.93 2.67
N ASP B 173 0.04 18.32 1.58
CA ASP B 173 -1.05 19.28 1.65
C ASP B 173 -2.42 18.61 1.77
N GLY B 174 -2.43 17.30 1.96
CA GLY B 174 -3.67 16.58 2.11
C GLY B 174 -4.31 16.12 0.82
N SER B 175 -3.71 16.47 -0.31
CA SER B 175 -4.12 15.88 -1.58
C SER B 175 -3.39 14.56 -1.78
N TYR B 176 -3.67 13.88 -2.89
CA TYR B 176 -3.04 12.61 -3.20
C TYR B 176 -2.27 12.68 -4.51
N PHE B 177 -1.24 11.85 -4.64
CA PHE B 177 -0.55 11.66 -5.90
C PHE B 177 -0.26 10.19 -6.15
N LEU B 178 0.04 9.86 -7.39
CA LEU B 178 0.58 8.55 -7.72
C LEU B 178 1.40 8.65 -9.00
N TYR B 179 2.11 7.58 -9.33
CA TYR B 179 2.83 7.50 -10.59
C TYR B 179 2.39 6.24 -11.31
N SER B 180 2.41 6.27 -12.64
CA SER B 180 2.15 5.08 -13.43
C SER B 180 3.32 4.90 -14.39
N LYS B 181 3.77 3.66 -14.54
CA LYS B 181 4.93 3.39 -15.38
C LYS B 181 4.54 2.46 -16.52
N LEU B 182 4.78 2.91 -17.75
CA LEU B 182 4.57 2.08 -18.93
C LEU B 182 5.90 1.66 -19.53
N SER B 183 6.12 0.36 -19.67
N SER B 183 6.12 0.35 -19.66
CA SER B 183 7.34 -0.15 -20.28
CA SER B 183 7.31 -0.17 -20.29
C SER B 183 7.09 -0.48 -21.75
C SER B 183 7.06 -0.45 -21.76
N VAL B 184 7.89 0.13 -22.63
CA VAL B 184 7.74 -0.05 -24.07
C VAL B 184 9.07 -0.39 -24.72
N PRO B 185 9.03 -1.12 -25.85
CA PRO B 185 10.24 -1.41 -26.63
C PRO B 185 10.94 -0.12 -27.01
N THR B 186 12.26 -0.07 -26.85
CA THR B 186 13.01 1.14 -27.11
C THR B 186 12.84 1.57 -28.57
N SER B 187 12.76 0.60 -29.46
CA SER B 187 12.59 0.87 -30.88
C SER B 187 11.30 1.68 -31.15
N GLU B 188 10.24 1.37 -30.41
CA GLU B 188 8.97 2.10 -30.56
C GLU B 188 9.10 3.54 -30.10
N TRP B 189 9.77 3.73 -28.98
CA TRP B 189 10.02 5.08 -28.48
C TRP B 189 10.88 5.87 -29.48
N GLN B 190 11.97 5.26 -29.92
CA GLN B 190 12.94 5.94 -30.76
C GLN B 190 12.35 6.40 -32.11
N ARG B 191 11.40 5.64 -32.63
N ARG B 191 11.41 5.63 -32.64
CA ARG B 191 10.80 5.97 -33.92
CA ARG B 191 10.83 5.99 -33.93
C ARG B 191 9.62 6.93 -33.78
C ARG B 191 9.69 7.01 -33.80
N GLY B 192 9.37 7.39 -32.56
CA GLY B 192 8.39 8.43 -32.34
C GLY B 192 6.94 8.00 -32.17
N ASP B 193 6.72 6.74 -31.81
CA ASP B 193 5.36 6.29 -31.49
C ASP B 193 4.77 7.15 -30.36
N VAL B 194 3.45 7.30 -30.37
CA VAL B 194 2.78 8.14 -29.39
C VAL B 194 2.07 7.29 -28.33
N PHE B 195 2.33 7.58 -27.05
CA PHE B 195 1.73 6.83 -25.96
C PHE B 195 0.92 7.80 -25.12
N THR B 196 -0.16 7.30 -24.54
CA THR B 196 -1.11 8.18 -23.85
C THR B 196 -1.44 7.65 -22.46
N CYS B 197 -1.33 8.54 -21.48
CA CYS B 197 -1.77 8.26 -20.12
C CYS B 197 -3.16 8.85 -19.94
N SER B 198 -4.16 8.01 -19.66
CA SER B 198 -5.53 8.48 -19.49
C SER B 198 -5.98 8.34 -18.05
N VAL B 199 -6.71 9.35 -17.57
CA VAL B 199 -7.06 9.40 -16.16
C VAL B 199 -8.54 9.71 -15.99
N MET B 200 -9.23 8.94 -15.16
CA MET B 200 -10.59 9.29 -14.79
C MET B 200 -10.67 9.62 -13.31
N HIS B 201 -11.32 10.73 -13.01
CA HIS B 201 -11.46 11.22 -11.64
C HIS B 201 -12.67 12.14 -11.59
N GLU B 202 -13.38 12.14 -10.48
CA GLU B 202 -14.64 12.88 -10.39
C GLU B 202 -14.48 14.39 -10.51
N ALA B 203 -13.29 14.91 -10.22
CA ALA B 203 -13.07 16.36 -10.25
C ALA B 203 -12.73 16.90 -11.65
N LEU B 204 -12.52 15.99 -12.59
CA LEU B 204 -12.26 16.37 -13.98
C LEU B 204 -13.54 16.69 -14.75
N HIS B 205 -13.45 17.66 -15.65
CA HIS B 205 -14.53 17.89 -16.61
C HIS B 205 -14.76 16.60 -17.38
N ASN B 206 -16.02 16.16 -17.47
CA ASN B 206 -16.36 14.87 -18.07
C ASN B 206 -15.66 13.69 -17.38
N HIS B 207 -15.15 13.92 -16.18
CA HIS B 207 -14.48 12.89 -15.39
C HIS B 207 -13.30 12.27 -16.10
N TYR B 208 -12.73 12.97 -17.06
CA TYR B 208 -11.70 12.38 -17.91
C TYR B 208 -10.68 13.39 -18.37
N THR B 209 -9.42 12.97 -18.40
CA THR B 209 -8.40 13.74 -19.08
C THR B 209 -7.31 12.79 -19.56
N GLN B 210 -6.48 13.25 -20.47
CA GLN B 210 -5.38 12.42 -20.94
C GLN B 210 -4.19 13.27 -21.34
N LYS B 211 -3.02 12.65 -21.37
N LYS B 211 -3.02 12.66 -21.34
CA LYS B 211 -1.78 13.33 -21.72
CA LYS B 211 -1.80 13.33 -21.75
C LYS B 211 -0.89 12.38 -22.51
C LYS B 211 -0.97 12.35 -22.57
N SER B 212 -0.44 12.82 -23.68
CA SER B 212 0.38 11.97 -24.54
C SER B 212 1.86 12.23 -24.34
N ILE B 213 2.68 11.28 -24.78
CA ILE B 213 4.13 11.41 -24.68
C ILE B 213 4.74 10.72 -25.90
N SER B 214 5.70 11.39 -26.52
CA SER B 214 6.43 10.80 -27.65
C SER B 214 7.75 11.52 -27.78
N ARG B 215 8.66 10.94 -28.54
CA ARG B 215 10.02 11.45 -28.62
C ARG B 215 10.09 12.86 -29.21
N SER B 216 9.27 13.12 -30.24
CA SER B 216 9.21 14.45 -30.83
C SER B 216 8.07 15.28 -30.23
C1 NAG C . -6.61 -4.46 23.26
C2 NAG C . -7.13 -5.30 22.09
C3 NAG C . -6.01 -5.78 21.17
C4 NAG C . -5.04 -4.66 20.81
C5 NAG C . -4.64 -3.88 22.05
C6 NAG C . -3.78 -2.68 21.69
C7 NAG C . -9.20 -6.50 22.50
C8 NAG C . -9.84 -7.78 22.96
N2 NAG C . -7.88 -6.45 22.57
O3 NAG C . -6.55 -6.34 20.00
O4 NAG C . -3.88 -5.23 20.22
O5 NAG C . -5.78 -3.43 22.76
O6 NAG C . -4.53 -1.76 20.93
O7 NAG C . -9.88 -5.58 22.08
C1 NAG C . -3.98 -5.26 18.79
C2 NAG C . -2.64 -4.91 18.15
C3 NAG C . -2.57 -5.17 16.65
C4 NAG C . -3.25 -6.47 16.23
C5 NAG C . -4.56 -6.66 16.97
C6 NAG C . -5.16 -8.03 16.67
C7 NAG C . -1.07 -3.28 19.03
C8 NAG C . -0.79 -1.84 19.31
N2 NAG C . -2.25 -3.54 18.45
O3 NAG C . -1.21 -5.19 16.24
O4 NAG C . -3.50 -6.43 14.83
O5 NAG C . -4.40 -6.55 18.36
O6 NAG C . -6.35 -8.16 17.43
O7 NAG C . -0.26 -4.15 19.33
C1 BMA C . -2.34 -6.80 14.05
C2 BMA C . -2.81 -7.66 12.88
C3 BMA C . -1.79 -7.80 11.76
C4 BMA C . -1.03 -6.52 11.50
C5 BMA C . -0.56 -5.90 12.80
C6 BMA C . 0.17 -4.59 12.51
O2 BMA C . -3.96 -7.04 12.33
O3 BMA C . -2.47 -8.23 10.59
O4 BMA C . 0.10 -6.80 10.69
O5 BMA C . -1.69 -5.63 13.59
O6 BMA C . 0.32 -3.81 13.69
C1 MAN C . 1.48 -2.96 13.58
C2 MAN C . 2.09 -2.73 14.96
C3 MAN C . 1.01 -2.18 15.89
C4 MAN C . 0.38 -0.95 15.25
C5 MAN C . -0.04 -1.23 13.81
C6 MAN C . -0.59 0.02 13.14
O2 MAN C . 3.13 -1.78 14.97
O3 MAN C . 1.64 -1.80 17.10
O4 MAN C . -0.75 -0.55 15.99
O5 MAN C . 1.07 -1.71 13.08
O6 MAN C . -1.15 -0.32 11.89
C1 NAG C . 4.35 -2.31 14.44
C2 NAG C . 5.09 -1.22 13.67
C3 NAG C . 6.58 -1.51 13.44
C4 NAG C . 7.26 -2.30 14.55
C5 NAG C . 6.36 -3.38 15.13
C6 NAG C . 6.97 -3.99 16.39
C7 NAG C . 3.61 0.09 12.26
C8 NAG C . 2.76 0.12 11.01
N2 NAG C . 4.42 -0.95 12.40
O3 NAG C . 7.27 -0.30 13.23
O4 NAG C . 8.46 -2.85 14.04
O5 NAG C . 5.12 -2.83 15.50
O6 NAG C . 7.07 -2.99 17.38
O7 NAG C . 3.52 1.00 13.08
C1 GAL C . 9.58 -2.56 14.90
C2 GAL C . 10.83 -3.32 14.42
C3 GAL C . 12.11 -2.83 15.09
C4 GAL C . 12.17 -1.32 15.20
C5 GAL C . 10.87 -0.80 15.81
C6 GAL C . 10.93 0.71 15.97
O2 GAL C . 10.72 -4.73 14.58
O3 GAL C . 13.23 -3.26 14.34
O4 GAL C . 12.34 -0.76 13.92
O5 GAL C . 9.81 -1.17 14.96
O6 GAL C . 9.87 1.15 16.79
C1 MAN C . -2.09 -9.59 10.25
C2 MAN C . -2.23 -9.77 8.73
C3 MAN C . -3.69 -9.74 8.31
C4 MAN C . -4.47 -10.72 9.17
C5 MAN C . -4.26 -10.38 10.64
C6 MAN C . -5.07 -11.27 11.57
O2 MAN C . -1.68 -10.97 8.23
O3 MAN C . -3.80 -10.10 6.95
O4 MAN C . -5.84 -10.67 8.84
O5 MAN C . -2.89 -10.53 10.92
O6 MAN C . -4.22 -12.28 12.07
C1 NAG C . -0.24 -10.94 8.27
C2 NAG C . 0.26 -12.33 8.65
C3 NAG C . 1.70 -12.62 8.24
C4 NAG C . 1.99 -12.13 6.83
C5 NAG C . 1.58 -10.67 6.70
C6 NAG C . 1.85 -10.18 5.28
C7 NAG C . -0.68 -13.65 10.44
C8 NAG C . 0.08 -14.84 10.94
N2 NAG C . 0.05 -12.60 10.06
O3 NAG C . 1.95 -14.00 8.33
O4 NAG C . 3.36 -12.27 6.56
O5 NAG C . 0.22 -10.49 7.00
O6 NAG C . 1.23 -8.93 5.08
O7 NAG C . -1.91 -13.66 10.37
C1 NAG D . -10.63 -18.37 6.24
C2 NAG D . -10.09 -17.32 7.23
C3 NAG D . -10.58 -15.90 6.93
C4 NAG D . -10.44 -15.55 5.46
C5 NAG D . -11.00 -16.67 4.60
C6 NAG D . -10.77 -16.39 3.12
C7 NAG D . -9.59 -18.06 9.49
C8 NAG D . -10.12 -18.50 10.82
N2 NAG D . -10.48 -17.68 8.58
O3 NAG D . -9.86 -14.98 7.74
O4 NAG D . -11.11 -14.32 5.18
O5 NAG D . -10.43 -17.93 4.92
O6 NAG D . -9.39 -16.24 2.88
O7 NAG D . -8.37 -18.07 9.26
C1 NAG D . -10.23 -13.18 5.24
C2 NAG D . -10.57 -12.18 4.13
C3 NAG D . -9.83 -10.84 4.29
C4 NAG D . -9.83 -10.32 5.72
C5 NAG D . -9.46 -11.44 6.69
C6 NAG D . -9.57 -10.95 8.12
C7 NAG D . -11.31 -12.93 1.90
C8 NAG D . -10.92 -13.68 0.67
N2 NAG D . -10.34 -12.76 2.81
O3 NAG D . -10.39 -9.86 3.43
O4 NAG D . -8.89 -9.27 5.85
O5 NAG D . -10.30 -12.57 6.51
O6 NAG D . -9.58 -12.05 9.00
O7 NAG D . -12.47 -12.52 2.04
C1 BMA D . -9.45 -8.00 5.48
C2 BMA D . -9.00 -6.99 6.53
C3 BMA D . -9.02 -5.53 6.08
C4 BMA D . -8.64 -5.35 4.62
C5 BMA D . -9.39 -6.36 3.78
C6 BMA D . -9.05 -6.19 2.31
O2 BMA D . -7.65 -7.28 6.85
O3 BMA D . -8.17 -4.78 6.91
O4 BMA D . -8.97 -4.04 4.23
O5 BMA D . -8.98 -7.64 4.19
O6 BMA D . -9.20 -7.42 1.65
C1 MAN D . -9.30 -7.21 0.23
C2 MAN D . -10.30 -8.19 -0.36
C3 MAN D . -9.89 -9.60 -0.05
C4 MAN D . -8.48 -9.81 -0.60
C5 MAN D . -7.55 -8.74 -0.06
C6 MAN D . -6.14 -8.90 -0.63
O2 MAN D . -10.31 -8.11 -1.77
O3 MAN D . -10.77 -10.50 -0.71
O4 MAN D . -8.03 -11.10 -0.26
O5 MAN D . -8.06 -7.45 -0.38
O6 MAN D . -5.26 -8.13 0.15
C1 NAG D . -11.27 -7.14 -2.22
C2 NAG D . -10.75 -6.44 -3.46
C3 NAG D . -11.74 -5.37 -3.91
C4 NAG D . -13.12 -6.01 -4.02
C5 NAG D . -13.51 -6.69 -2.71
C6 NAG D . -14.91 -7.27 -2.75
C7 NAG D . -8.33 -6.33 -3.62
C8 NAG D . -7.07 -5.64 -3.18
N2 NAG D . -9.47 -5.81 -3.17
O3 NAG D . -11.31 -4.82 -5.13
O4 NAG D . -14.09 -5.03 -4.32
O5 NAG D . -12.56 -7.69 -2.41
O6 NAG D . -14.90 -8.48 -3.50
O7 NAG D . -8.27 -7.33 -4.32
C1 GAL D . -14.04 -4.77 -5.73
C2 GAL D . -14.97 -5.71 -6.49
C3 GAL D . -15.62 -5.00 -7.67
C4 GAL D . -16.33 -3.71 -7.24
C5 GAL D . -15.74 -3.13 -5.97
C6 GAL D . -16.40 -3.67 -4.70
O2 GAL D . -14.27 -6.86 -6.93
O3 GAL D . -16.54 -5.86 -8.30
O4 GAL D . -17.68 -3.99 -7.01
O5 GAL D . -14.35 -3.41 -5.99
O6 GAL D . -17.57 -2.95 -4.41
C1 MAN D . -8.98 -3.93 7.74
C2 MAN D . -8.25 -2.60 7.95
C3 MAN D . -6.97 -2.84 8.73
C4 MAN D . -7.21 -3.75 9.93
C5 MAN D . -8.08 -4.96 9.59
C6 MAN D . -8.43 -5.78 10.82
O2 MAN D . -9.08 -1.69 8.66
O3 MAN D . -6.46 -1.61 9.17
O4 MAN D . -5.97 -4.23 10.42
O5 MAN D . -9.26 -4.51 8.98
O6 MAN D . -9.04 -6.98 10.41
C1 GOL E . 18.22 -15.90 -1.38
O1 GOL E . 17.21 -16.83 -1.74
C2 GOL E . 18.04 -15.52 0.09
O2 GOL E . 16.88 -14.73 0.20
C3 GOL E . 19.24 -14.74 0.59
O3 GOL E . 19.67 -13.80 -0.37
C1 GOL F . 10.42 2.43 1.75
O1 GOL F . 10.20 1.81 0.51
C2 GOL F . 11.26 3.68 1.52
O2 GOL F . 10.63 4.52 0.59
C3 GOL F . 11.41 4.44 2.85
O3 GOL F . 12.72 4.94 2.93
C1 GOL G . 24.64 -10.44 17.00
O1 GOL G . 24.11 -11.74 16.98
C2 GOL G . 23.83 -9.56 17.93
O2 GOL G . 23.95 -10.03 19.25
C3 GOL G . 24.35 -8.13 17.85
O3 GOL G . 23.25 -7.25 17.71
N1 AZI H . 12.83 19.60 1.82
N2 AZI H . 13.26 19.78 2.89
N3 AZI H . 13.68 19.95 3.95
C FMT I . 19.24 1.07 15.41
O1 FMT I . 18.53 1.91 14.87
O2 FMT I . 20.43 1.23 15.67
C FMT J . 18.67 6.23 2.01
O1 FMT J . 18.52 5.63 3.08
O2 FMT J . 19.60 7.01 1.82
C1 GOL K . -17.92 16.87 0.03
O1 GOL K . -17.68 16.70 1.41
C2 GOL K . -17.71 15.56 -0.69
O2 GOL K . -18.78 14.69 -0.39
C3 GOL K . -17.66 15.81 -2.20
O3 GOL K . -18.90 15.42 -2.78
N1 AZI L . 2.55 16.25 -19.87
N2 AZI L . 3.55 16.59 -19.40
N3 AZI L . 4.56 16.93 -18.94
C FMT M . -5.89 3.12 -11.42
O1 FMT M . -6.48 2.31 -12.14
O2 FMT M . -5.17 2.80 -10.47
C FMT N . 0.74 13.39 5.05
O1 FMT N . 0.29 14.51 4.82
O2 FMT N . 0.64 12.81 6.14
C FMT O . -8.71 5.61 -17.27
O1 FMT O . -8.65 5.91 -18.47
O2 FMT O . -9.65 4.98 -16.78
C FMT P . -13.31 24.40 -5.98
O1 FMT P . -12.22 23.93 -6.31
O2 FMT P . -13.54 24.91 -4.88
#